data_3N2E
#
_entry.id   3N2E
#
_cell.length_a   193.910
_cell.length_b   71.791
_cell.length_c   47.626
_cell.angle_alpha   90.00
_cell.angle_beta   91.96
_cell.angle_gamma   90.00
#
_symmetry.space_group_name_H-M   'C 1 2 1'
#
loop_
_entity.id
_entity.type
_entity.pdbx_description
1 polymer 'Shikimate kinase'
2 non-polymer '7-amino-4-hydroxy-3-[(E)-(5-hydroxy-7-sulfonaphthalen-2-yl)diazenyl]naphthalene-2-sulfonic acid'
3 non-polymer 'L(+)-TARTARIC ACID'
4 water water
#
_entity_poly.entity_id   1
_entity_poly.type   'polypeptide(L)'
_entity_poly.pdbx_seq_one_letter_code
;MQHLVLIGFMGSGKSSLAQELGLALKLEVLDTDMIISERVGLSVREIFEELGEDNFRMFEKNLIDELKTLKTPHVISTGG
GIVMHENLKGLGTTFYLKMDFETLIKRLNQKERAKRPLLNNLTQAKELFEKRQALYEKNASFIIDARGGLNNSLKQVLQF
IALQPSLS
;
_entity_poly.pdbx_strand_id   A,B,C
#
loop_
_chem_comp.id
_chem_comp.type
_chem_comp.name
_chem_comp.formula
OSA non-polymer '7-amino-4-hydroxy-3-[(E)-(5-hydroxy-7-sulfonaphthalen-2-yl)diazenyl]naphthalene-2-sulfonic acid' 'C20 H15 N3 O8 S2'
TLA non-polymer 'L(+)-TARTARIC ACID' 'C4 H6 O6'
#
# COMPACT_ATOMS: atom_id res chain seq x y z
N MET A 1 6.37 -21.32 5.64
CA MET A 1 5.78 -20.09 5.08
C MET A 1 4.30 -20.33 4.79
N GLN A 2 3.59 -20.88 5.78
CA GLN A 2 2.19 -21.18 5.61
C GLN A 2 1.22 -20.25 6.33
N HIS A 3 1.63 -19.68 7.47
CA HIS A 3 0.68 -18.88 8.24
C HIS A 3 0.74 -17.36 8.04
N LEU A 4 -0.32 -16.69 8.50
CA LEU A 4 -0.37 -15.23 8.62
C LEU A 4 -0.05 -14.85 10.08
N VAL A 5 1.17 -14.37 10.25
CA VAL A 5 1.70 -14.05 11.55
C VAL A 5 1.68 -12.50 11.75
N LEU A 6 0.95 -12.08 12.77
CA LEU A 6 0.87 -10.68 13.16
C LEU A 6 1.94 -10.34 14.21
N ILE A 7 2.87 -9.42 13.93
CA ILE A 7 3.86 -8.93 14.93
C ILE A 7 3.75 -7.45 15.28
N GLY A 8 4.29 -7.08 16.45
CA GLY A 8 4.28 -5.67 16.83
C GLY A 8 4.31 -5.57 18.34
N PHE A 9 4.22 -4.38 18.85
CA PHE A 9 4.26 -4.12 20.24
C PHE A 9 3.03 -4.50 20.97
N MET A 10 3.20 -4.59 22.27
CA MET A 10 2.13 -4.78 23.16
C MET A 10 1.25 -3.63 22.85
N GLY A 11 -0.02 -3.88 22.82
CA GLY A 11 -0.98 -2.83 22.60
C GLY A 11 -1.24 -2.44 21.19
N SER A 12 -0.57 -3.05 20.25
CA SER A 12 -0.89 -2.76 18.84
C SER A 12 -2.17 -3.44 18.38
N GLY A 13 -2.73 -4.31 19.23
CA GLY A 13 -4.02 -4.99 18.97
C GLY A 13 -3.93 -6.26 18.10
N LYS A 14 -2.81 -7.00 18.20
CA LYS A 14 -2.55 -8.12 17.32
C LYS A 14 -3.61 -9.18 17.39
N SER A 15 -3.95 -9.59 18.61
CA SER A 15 -5.03 -10.54 18.89
C SER A 15 -6.35 -10.19 18.28
N SER A 16 -6.87 -9.03 18.62
CA SER A 16 -8.11 -8.58 18.09
C SER A 16 -8.15 -8.68 16.57
N LEU A 17 -7.09 -8.23 15.92
CA LEU A 17 -7.01 -8.26 14.47
C LEU A 17 -6.92 -9.72 14.03
N ALA A 18 -6.27 -10.57 14.82
CA ALA A 18 -6.08 -11.96 14.42
C ALA A 18 -7.47 -12.64 14.31
N GLN A 19 -8.33 -12.39 15.29
CA GLN A 19 -9.60 -13.04 15.40
C GLN A 19 -10.50 -12.62 14.27
N GLU A 20 -10.53 -11.32 13.99
CA GLU A 20 -11.25 -10.76 12.88
C GLU A 20 -10.80 -11.47 11.60
N LEU A 21 -9.49 -11.60 11.46
CA LEU A 21 -8.92 -12.15 10.28
C LEU A 21 -9.32 -13.63 10.15
N GLY A 22 -9.39 -14.36 11.28
CA GLY A 22 -9.77 -15.76 11.29
C GLY A 22 -11.18 -15.90 10.70
N LEU A 23 -12.09 -15.08 11.19
CA LEU A 23 -13.42 -15.06 10.68
C LEU A 23 -13.39 -14.74 9.19
N ALA A 24 -12.64 -13.71 8.80
CA ALA A 24 -12.74 -13.21 7.43
C ALA A 24 -12.31 -14.29 6.41
N LEU A 25 -11.32 -15.10 6.77
CA LEU A 25 -10.66 -15.90 5.80
C LEU A 25 -10.93 -17.36 6.06
N LYS A 26 -11.88 -17.61 6.96
CA LYS A 26 -12.24 -18.97 7.41
C LYS A 26 -11.01 -19.76 7.86
N LEU A 27 -10.24 -19.21 8.82
CA LEU A 27 -9.02 -19.93 9.31
C LEU A 27 -8.92 -20.04 10.84
N GLU A 28 -8.24 -21.07 11.34
CA GLU A 28 -8.07 -21.09 12.80
C GLU A 28 -7.14 -19.95 13.27
N VAL A 29 -7.47 -19.38 14.41
CA VAL A 29 -6.59 -18.42 15.07
C VAL A 29 -5.92 -18.94 16.35
N LEU A 30 -4.58 -18.79 16.40
CA LEU A 30 -3.79 -19.09 17.57
C LEU A 30 -3.11 -17.83 18.17
N ASP A 31 -2.70 -17.90 19.43
CA ASP A 31 -2.00 -16.77 20.05
C ASP A 31 -0.81 -17.28 20.90
N THR A 32 0.37 -16.89 20.54
CA THR A 32 1.48 -17.47 21.21
C THR A 32 1.48 -17.23 22.69
N ASP A 33 1.11 -16.06 23.15
CA ASP A 33 1.04 -15.83 24.59
C ASP A 33 0.02 -16.70 25.26
N MET A 34 -1.15 -16.88 24.67
CA MET A 34 -2.17 -17.75 25.24
C MET A 34 -1.79 -19.22 25.32
N ILE A 35 -1.22 -19.75 24.26
CA ILE A 35 -0.71 -21.12 24.27
C ILE A 35 0.21 -21.37 25.51
N ILE A 36 1.28 -20.58 25.62
CA ILE A 36 2.26 -20.70 26.68
C ILE A 36 1.61 -20.50 28.05
N SER A 37 0.78 -19.47 28.18
CA SER A 37 0.12 -19.25 29.47
C SER A 37 -0.89 -20.34 29.92
N GLU A 38 -1.70 -20.86 29.00
CA GLU A 38 -2.59 -21.99 29.31
C GLU A 38 -1.79 -23.25 29.66
N ARG A 39 -0.68 -23.50 28.98
CA ARG A 39 0.18 -24.64 29.36
C ARG A 39 0.68 -24.60 30.82
N VAL A 40 1.52 -23.60 31.13
CA VAL A 40 2.23 -23.40 32.39
C VAL A 40 1.27 -23.16 33.56
N GLY A 41 0.05 -22.72 33.27
CA GLY A 41 -0.96 -22.53 34.29
C GLY A 41 -0.84 -21.15 34.91
N LEU A 42 0.05 -20.33 34.34
CA LEU A 42 0.28 -18.95 34.78
C LEU A 42 0.03 -17.92 33.67
N SER A 43 -0.31 -16.68 34.07
CA SER A 43 -0.34 -15.50 33.19
C SER A 43 1.06 -15.25 32.65
N VAL A 44 1.22 -14.28 31.75
CA VAL A 44 2.58 -14.00 31.23
C VAL A 44 3.46 -13.22 32.27
N ARG A 45 2.86 -12.20 32.92
CA ARG A 45 3.50 -11.50 34.04
C ARG A 45 4.05 -12.54 35.02
N GLU A 46 3.19 -13.50 35.36
CA GLU A 46 3.49 -14.47 36.40
C GLU A 46 4.62 -15.36 35.97
N ILE A 47 4.70 -15.65 34.66
CA ILE A 47 5.82 -16.47 34.14
C ILE A 47 7.16 -15.74 34.30
N PHE A 48 7.20 -14.50 33.85
CA PHE A 48 8.42 -13.77 33.94
C PHE A 48 8.80 -13.71 35.40
N GLU A 49 7.89 -13.36 36.30
CA GLU A 49 8.25 -13.36 37.70
C GLU A 49 8.61 -14.70 38.32
N GLU A 50 7.79 -15.71 38.11
CA GLU A 50 8.07 -17.02 38.63
C GLU A 50 9.18 -17.71 37.92
N LEU A 51 9.18 -17.62 36.61
CA LEU A 51 10.15 -18.45 35.82
C LEU A 51 11.32 -17.72 35.19
N GLY A 52 11.19 -16.42 34.97
CA GLY A 52 12.29 -15.69 34.35
C GLY A 52 12.13 -15.53 32.84
N GLU A 53 12.67 -14.44 32.34
CA GLU A 53 12.44 -14.12 30.99
C GLU A 53 13.09 -15.19 30.15
N ASP A 54 14.25 -15.68 30.56
CA ASP A 54 14.98 -16.60 29.70
C ASP A 54 14.12 -17.83 29.45
N ASN A 55 13.47 -18.28 30.53
CA ASN A 55 12.62 -19.47 30.47
C ASN A 55 11.39 -19.30 29.56
N PHE A 56 10.76 -18.16 29.63
CA PHE A 56 9.70 -17.80 28.68
C PHE A 56 10.16 -17.76 27.25
N ARG A 57 11.37 -17.31 27.02
CA ARG A 57 11.86 -17.13 25.67
C ARG A 57 12.11 -18.52 25.09
N MET A 58 12.47 -19.46 25.97
CA MET A 58 12.67 -20.86 25.58
C MET A 58 11.32 -21.50 25.25
N PHE A 59 10.33 -21.32 26.13
CA PHE A 59 9.03 -21.78 25.73
C PHE A 59 8.72 -21.24 24.34
N GLU A 60 8.91 -19.93 24.15
CA GLU A 60 8.51 -19.24 22.93
C GLU A 60 9.19 -19.82 21.71
N LYS A 61 10.52 -19.96 21.79
CA LYS A 61 11.34 -20.53 20.70
C LYS A 61 10.88 -21.94 20.39
N ASN A 62 10.73 -22.75 21.42
CA ASN A 62 10.20 -24.09 21.20
C ASN A 62 8.82 -24.07 20.49
N LEU A 63 7.93 -23.18 20.95
CA LEU A 63 6.58 -23.14 20.45
C LEU A 63 6.56 -22.80 18.96
N ILE A 64 7.38 -21.85 18.50
CA ILE A 64 7.54 -21.63 17.05
C ILE A 64 7.80 -22.96 16.33
N ASP A 65 8.76 -23.75 16.81
CA ASP A 65 9.05 -25.03 16.20
C ASP A 65 7.76 -25.88 16.02
N GLU A 66 6.96 -26.02 17.08
CA GLU A 66 5.72 -26.78 17.04
C GLU A 66 4.82 -26.28 15.92
N LEU A 67 4.68 -24.94 15.84
CA LEU A 67 3.68 -24.31 15.00
C LEU A 67 4.03 -24.46 13.52
N LYS A 68 5.31 -24.62 13.23
CA LYS A 68 5.74 -24.94 11.89
C LYS A 68 5.39 -26.40 11.48
N THR A 69 4.66 -27.15 12.31
CA THR A 69 4.28 -28.51 11.89
C THR A 69 2.80 -28.60 11.64
N LEU A 70 2.06 -27.59 12.07
CA LEU A 70 0.65 -27.52 11.79
C LEU A 70 0.49 -27.66 10.29
N LYS A 71 -0.57 -28.33 9.88
CA LYS A 71 -0.69 -28.62 8.48
C LYS A 71 -1.43 -27.51 7.74
N THR A 72 -2.61 -27.14 8.24
CA THR A 72 -3.43 -26.12 7.64
C THR A 72 -2.89 -24.68 8.02
N PRO A 73 -3.16 -23.62 7.21
CA PRO A 73 -2.74 -22.26 7.66
C PRO A 73 -3.63 -21.79 8.76
N HIS A 74 -3.04 -21.07 9.71
CA HIS A 74 -3.79 -20.38 10.74
C HIS A 74 -3.32 -18.91 10.78
N VAL A 75 -4.10 -18.12 11.49
CA VAL A 75 -3.74 -16.77 11.75
C VAL A 75 -3.17 -16.89 13.15
N ILE A 76 -1.93 -16.39 13.34
CA ILE A 76 -1.27 -16.42 14.67
C ILE A 76 -0.92 -15.01 15.16
N SER A 77 -1.49 -14.60 16.27
CA SER A 77 -0.98 -13.45 17.00
C SER A 77 0.17 -13.82 17.95
N THR A 78 1.14 -12.93 18.06
CA THR A 78 2.40 -13.18 18.75
C THR A 78 2.70 -12.11 19.82
N GLY A 79 3.35 -12.50 20.92
CA GLY A 79 3.92 -11.54 21.86
C GLY A 79 4.99 -10.58 21.29
N GLY A 80 5.12 -9.43 21.96
CA GLY A 80 6.03 -8.38 21.52
C GLY A 80 7.43 -8.86 21.12
N GLY A 81 8.04 -9.76 21.90
CA GLY A 81 9.46 -10.09 21.77
C GLY A 81 9.77 -11.24 20.82
N ILE A 82 8.72 -11.82 20.27
CA ILE A 82 8.86 -13.04 19.52
C ILE A 82 9.80 -12.88 18.37
N VAL A 83 9.99 -11.64 17.95
CA VAL A 83 10.81 -11.35 16.80
C VAL A 83 12.29 -11.45 17.11
N MET A 84 12.63 -11.72 18.38
CA MET A 84 14.03 -11.94 18.74
C MET A 84 14.54 -13.36 18.44
N HIS A 85 13.66 -14.27 17.99
CA HIS A 85 14.05 -15.67 17.69
C HIS A 85 14.34 -15.94 16.20
N GLU A 86 15.59 -16.31 15.83
CA GLU A 86 15.96 -16.59 14.38
C GLU A 86 15.02 -17.61 13.80
N ASN A 87 14.76 -18.56 14.64
CA ASN A 87 13.71 -19.53 14.53
C ASN A 87 12.37 -19.11 13.80
N LEU A 88 11.89 -17.88 14.05
CA LEU A 88 10.61 -17.35 13.53
C LEU A 88 10.55 -17.32 11.99
N LYS A 89 11.74 -17.21 11.39
CA LYS A 89 11.92 -17.37 9.96
C LYS A 89 11.44 -18.74 9.49
N GLY A 90 10.38 -18.73 8.67
CA GLY A 90 9.85 -19.89 8.03
C GLY A 90 8.46 -20.20 8.55
N LEU A 91 8.05 -19.46 9.58
CA LEU A 91 6.76 -19.76 10.23
C LEU A 91 5.67 -19.33 9.36
N GLY A 92 5.83 -18.19 8.70
CA GLY A 92 4.78 -17.65 7.85
C GLY A 92 5.05 -16.29 7.30
N THR A 93 4.01 -15.69 6.74
CA THR A 93 4.04 -14.34 6.25
C THR A 93 3.78 -13.39 7.47
N THR A 94 4.82 -12.71 7.93
CA THR A 94 4.68 -11.73 9.05
C THR A 94 4.13 -10.40 8.56
N PHE A 95 3.14 -9.89 9.29
CA PHE A 95 2.63 -8.53 9.13
C PHE A 95 2.93 -7.74 10.40
N TYR A 96 3.70 -6.66 10.26
CA TYR A 96 3.90 -5.68 11.33
C TYR A 96 2.71 -4.78 11.53
N LEU A 97 1.98 -4.87 12.63
CA LEU A 97 0.96 -3.82 12.96
C LEU A 97 1.57 -2.50 13.43
N LYS A 98 1.86 -1.58 12.53
CA LYS A 98 2.62 -0.38 12.93
C LYS A 98 1.80 0.64 13.72
N MET A 99 2.15 0.81 14.97
CA MET A 99 1.50 1.79 15.79
C MET A 99 2.55 2.85 16.20
N ASP A 100 2.13 4.10 16.42
CA ASP A 100 3.08 5.21 16.84
C ASP A 100 3.50 5.17 18.30
N PHE A 101 4.69 5.70 18.61
CA PHE A 101 5.21 5.74 19.99
C PHE A 101 4.18 6.35 20.97
N GLU A 102 3.71 7.55 20.68
CA GLU A 102 2.75 8.23 21.55
C GLU A 102 1.62 7.32 21.97
N THR A 103 0.97 6.65 21.03
CA THR A 103 -0.25 5.97 21.42
C THR A 103 0.05 4.70 22.21
N LEU A 104 1.15 4.02 21.86
CA LEU A 104 1.60 2.83 22.55
C LEU A 104 1.97 3.12 24.00
N ILE A 105 2.64 4.23 24.26
CA ILE A 105 2.92 4.67 25.63
C ILE A 105 1.63 4.95 26.42
N LYS A 106 0.74 5.74 25.86
CA LYS A 106 -0.61 5.97 26.43
C LYS A 106 -1.42 4.68 26.73
N ARG A 107 -1.26 3.66 25.89
CA ARG A 107 -1.97 2.40 26.08
C ARG A 107 -1.39 1.55 27.20
N LEU A 108 -0.16 1.77 27.66
CA LEU A 108 0.35 0.99 28.79
C LEU A 108 -0.35 1.41 30.10
N ASN A 109 -0.38 0.52 31.08
CA ASN A 109 -0.92 0.81 32.44
C ASN A 109 0.17 0.77 33.50
N GLN A 110 -0.23 0.92 34.75
CA GLN A 110 0.72 0.97 35.87
C GLN A 110 1.47 -0.36 36.05
N LYS A 111 0.75 -1.49 36.13
CA LYS A 111 1.40 -2.81 36.25
C LYS A 111 2.44 -3.08 35.18
N GLU A 112 2.21 -2.50 33.99
CA GLU A 112 3.09 -2.80 32.86
C GLU A 112 4.39 -2.06 33.05
N ARG A 113 4.29 -0.77 33.35
CA ARG A 113 5.44 0.07 33.59
C ARG A 113 6.16 -0.21 34.92
N ALA A 114 5.45 -0.74 35.92
CA ALA A 114 5.99 -1.00 37.25
C ALA A 114 7.25 -1.85 37.23
N LYS A 115 7.34 -2.73 36.27
CA LYS A 115 8.45 -3.65 36.32
C LYS A 115 9.45 -3.41 35.21
N ARG A 116 9.17 -2.48 34.30
CA ARG A 116 10.15 -2.22 33.26
C ARG A 116 10.62 -0.76 33.21
N PRO A 117 11.72 -0.48 33.89
CA PRO A 117 12.27 0.87 34.01
C PRO A 117 12.47 1.65 32.69
N LEU A 118 12.85 0.98 31.58
CA LEU A 118 13.02 1.70 30.31
C LEU A 118 11.77 2.44 29.79
N LEU A 119 10.61 2.07 30.28
CA LEU A 119 9.39 2.69 29.81
C LEU A 119 9.06 3.99 30.56
N ASN A 120 9.84 4.29 31.59
CA ASN A 120 9.52 5.38 32.50
C ASN A 120 10.28 6.73 32.28
N ASN A 121 11.41 6.68 31.61
CA ASN A 121 12.00 7.92 31.09
C ASN A 121 11.92 8.05 29.52
N LEU A 122 11.45 9.21 29.07
CA LEU A 122 11.39 9.51 27.64
C LEU A 122 12.54 8.95 26.77
N THR A 123 13.75 9.46 26.98
CA THR A 123 14.95 9.09 26.18
C THR A 123 15.06 7.60 25.89
N GLN A 124 15.05 6.81 26.95
CA GLN A 124 15.16 5.37 26.79
C GLN A 124 13.92 4.72 26.19
N ALA A 125 12.75 5.16 26.57
CA ALA A 125 11.56 4.68 25.93
C ALA A 125 11.62 4.85 24.39
N LYS A 126 12.09 6.00 23.88
CA LYS A 126 12.14 6.27 22.45
C LYS A 126 13.19 5.46 21.77
N GLU A 127 14.29 5.28 22.47
CA GLU A 127 15.44 4.56 21.98
C GLU A 127 15.08 3.08 21.83
N LEU A 128 14.42 2.57 22.84
CA LEU A 128 13.89 1.23 22.84
C LEU A 128 12.91 1.05 21.65
N PHE A 129 11.96 1.96 21.55
CA PHE A 129 10.96 1.91 20.50
C PHE A 129 11.63 1.85 19.15
N GLU A 130 12.61 2.74 18.91
CA GLU A 130 13.30 2.83 17.58
C GLU A 130 14.05 1.53 17.18
N LYS A 131 14.67 0.88 18.16
CA LYS A 131 15.52 -0.25 17.86
C LYS A 131 14.64 -1.46 17.62
N ARG A 132 13.58 -1.62 18.42
CA ARG A 132 12.63 -2.72 18.21
C ARG A 132 11.69 -2.52 16.98
N GLN A 133 11.38 -1.26 16.66
CA GLN A 133 10.62 -1.04 15.44
C GLN A 133 11.42 -1.55 14.22
N ALA A 134 12.69 -1.15 14.18
CA ALA A 134 13.62 -1.54 13.16
C ALA A 134 13.69 -3.04 13.10
N LEU A 135 13.60 -3.70 14.25
CA LEU A 135 13.59 -5.16 14.23
C LEU A 135 12.27 -5.73 13.70
N TYR A 136 11.13 -5.05 13.89
CA TYR A 136 9.87 -5.54 13.36
C TYR A 136 9.83 -5.29 11.86
N GLU A 137 10.38 -4.15 11.46
CA GLU A 137 10.42 -3.78 10.04
C GLU A 137 11.40 -4.65 9.23
N LYS A 138 12.57 -4.91 9.78
CA LYS A 138 13.46 -5.91 9.21
C LYS A 138 12.70 -7.21 8.88
N ASN A 139 12.03 -7.78 9.88
CA ASN A 139 11.44 -9.10 9.86
C ASN A 139 10.04 -9.19 9.29
N ALA A 140 9.57 -8.15 8.58
CA ALA A 140 8.17 -8.08 8.17
C ALA A 140 7.96 -8.18 6.65
N SER A 141 7.00 -8.96 6.20
CA SER A 141 6.72 -8.97 4.79
C SER A 141 5.87 -7.78 4.40
N PHE A 142 4.97 -7.35 5.29
CA PHE A 142 4.04 -6.26 5.01
C PHE A 142 3.97 -5.44 6.26
N ILE A 143 3.85 -4.13 6.08
CA ILE A 143 3.69 -3.25 7.17
C ILE A 143 2.25 -2.84 7.14
N ILE A 144 1.59 -2.86 8.30
CA ILE A 144 0.19 -2.47 8.38
C ILE A 144 0.05 -1.30 9.32
N ASP A 145 -0.52 -0.22 8.84
CA ASP A 145 -0.78 0.97 9.67
C ASP A 145 -1.98 0.75 10.56
N ALA A 146 -1.70 0.53 11.83
CA ALA A 146 -2.76 0.22 12.81
C ALA A 146 -3.38 1.46 13.41
N ARG A 147 -3.03 2.65 12.93
CA ARG A 147 -3.43 3.86 13.68
C ARG A 147 -4.86 4.19 13.43
N GLY A 148 -5.49 3.55 12.45
CA GLY A 148 -6.80 3.98 11.90
C GLY A 148 -7.90 3.07 12.42
N GLY A 149 -7.55 2.21 13.33
CA GLY A 149 -8.45 1.24 13.88
C GLY A 149 -8.43 -0.12 13.25
N LEU A 150 -9.07 -1.05 13.91
CA LEU A 150 -9.06 -2.43 13.54
C LEU A 150 -9.60 -2.73 12.17
N ASN A 151 -10.70 -2.12 11.83
CA ASN A 151 -11.30 -2.30 10.50
C ASN A 151 -10.38 -1.93 9.33
N ASN A 152 -9.67 -0.81 9.52
CA ASN A 152 -8.73 -0.33 8.52
C ASN A 152 -7.47 -1.23 8.43
N SER A 153 -7.01 -1.74 9.55
CA SER A 153 -5.90 -2.69 9.50
C SER A 153 -6.37 -3.95 8.77
N LEU A 154 -7.58 -4.39 9.08
CA LEU A 154 -8.19 -5.55 8.46
C LEU A 154 -8.29 -5.32 6.93
N LYS A 155 -8.76 -4.14 6.51
CA LYS A 155 -8.85 -3.85 5.07
C LYS A 155 -7.45 -3.94 4.38
N GLN A 156 -6.41 -3.46 5.03
CA GLN A 156 -5.09 -3.59 4.43
C GLN A 156 -4.64 -5.03 4.37
N VAL A 157 -4.88 -5.81 5.40
CA VAL A 157 -4.34 -7.18 5.33
C VAL A 157 -5.00 -7.85 4.12
N LEU A 158 -6.30 -7.61 4.00
CA LEU A 158 -7.08 -8.28 2.97
C LEU A 158 -6.73 -7.84 1.57
N GLN A 159 -6.38 -6.57 1.41
CA GLN A 159 -5.85 -6.05 0.14
C GLN A 159 -4.70 -6.88 -0.35
N PHE A 160 -3.74 -7.14 0.55
CA PHE A 160 -2.53 -7.89 0.20
C PHE A 160 -2.84 -9.32 -0.13
N ILE A 161 -3.76 -9.91 0.60
CA ILE A 161 -4.11 -11.27 0.31
C ILE A 161 -4.92 -11.36 -0.97
N ALA A 162 -5.73 -10.36 -1.27
CA ALA A 162 -6.48 -10.36 -2.51
C ALA A 162 -5.52 -10.43 -3.66
N LEU A 163 -4.46 -9.67 -3.57
CA LEU A 163 -3.45 -9.58 -4.58
C LEU A 163 -2.47 -10.72 -4.76
N GLN A 164 -2.19 -11.45 -3.70
CA GLN A 164 -1.28 -12.56 -3.68
C GLN A 164 -1.89 -13.74 -2.98
N PRO A 165 -2.80 -14.46 -3.58
CA PRO A 165 -3.53 -15.53 -2.92
C PRO A 165 -2.69 -16.70 -2.46
N SER A 166 -1.55 -16.88 -3.06
CA SER A 166 -0.56 -17.90 -2.63
C SER A 166 -0.29 -17.82 -1.12
N LEU A 167 -0.56 -16.65 -0.52
CA LEU A 167 -0.49 -16.43 0.93
C LEU A 167 -1.41 -17.32 1.77
N SER A 168 -2.67 -17.50 1.33
CA SER A 168 -3.73 -18.21 2.09
C SER A 168 -4.41 -19.29 1.22
N MET B 1 28.20 24.62 -10.53
CA MET B 1 26.87 23.91 -10.64
C MET B 1 26.58 23.45 -12.08
N GLN B 2 26.98 22.22 -12.42
CA GLN B 2 27.10 21.91 -13.86
C GLN B 2 26.33 20.69 -14.41
N HIS B 3 25.86 19.81 -13.54
CA HIS B 3 25.25 18.58 -14.03
C HIS B 3 23.82 18.72 -14.52
N LEU B 4 23.39 17.75 -15.32
CA LEU B 4 21.96 17.61 -15.63
C LEU B 4 21.31 16.54 -14.73
N VAL B 5 20.44 17.01 -13.86
CA VAL B 5 19.91 16.23 -12.73
C VAL B 5 18.43 15.91 -12.98
N LEU B 6 18.16 14.63 -13.14
CA LEU B 6 16.85 14.19 -13.44
C LEU B 6 16.14 13.85 -12.12
N ILE B 7 15.03 14.55 -11.82
CA ILE B 7 14.28 14.30 -10.56
C ILE B 7 12.78 13.92 -10.73
N GLY B 8 12.18 13.36 -9.67
CA GLY B 8 10.76 13.02 -9.63
C GLY B 8 10.51 11.67 -8.99
N PHE B 9 9.24 11.20 -9.01
CA PHE B 9 8.84 10.00 -8.30
C PHE B 9 9.40 8.78 -8.95
N MET B 10 9.43 7.72 -8.17
CA MET B 10 9.58 6.36 -8.59
C MET B 10 8.59 6.09 -9.73
N GLY B 11 9.10 5.60 -10.87
CA GLY B 11 8.31 5.26 -12.03
C GLY B 11 8.26 6.33 -13.10
N SER B 12 8.89 7.47 -12.87
CA SER B 12 8.83 8.46 -13.92
C SER B 12 9.84 8.25 -15.05
N GLY B 13 10.69 7.22 -14.93
CA GLY B 13 11.65 6.90 -15.99
C GLY B 13 13.00 7.66 -15.94
N LYS B 14 13.51 7.97 -14.75
CA LYS B 14 14.76 8.72 -14.67
C LYS B 14 15.94 7.98 -15.22
N SER B 15 16.24 6.80 -14.72
CA SER B 15 17.36 6.05 -15.25
C SER B 15 17.38 6.01 -16.74
N SER B 16 16.31 5.52 -17.34
CA SER B 16 16.23 5.37 -18.76
C SER B 16 16.48 6.71 -19.43
N LEU B 17 15.66 7.71 -19.07
CA LEU B 17 15.86 9.02 -19.65
C LEU B 17 17.33 9.44 -19.49
N ALA B 18 17.89 9.14 -18.34
CA ALA B 18 19.26 9.52 -18.04
C ALA B 18 20.31 8.81 -18.91
N GLN B 19 20.12 7.50 -19.13
CA GLN B 19 20.99 6.73 -20.03
C GLN B 19 21.00 7.42 -21.38
N GLU B 20 19.83 7.60 -21.98
CA GLU B 20 19.70 8.20 -23.32
C GLU B 20 20.19 9.67 -23.40
N LEU B 21 19.99 10.44 -22.35
CA LEU B 21 20.40 11.80 -22.44
C LEU B 21 21.92 11.83 -22.43
N GLY B 22 22.54 10.84 -21.80
CA GLY B 22 23.99 10.68 -21.80
C GLY B 22 24.58 10.43 -23.17
N LEU B 23 23.95 9.51 -23.91
CA LEU B 23 24.31 9.27 -25.30
C LEU B 23 23.98 10.46 -26.22
N ALA B 24 22.96 11.24 -25.92
CA ALA B 24 22.65 12.37 -26.78
C ALA B 24 23.65 13.49 -26.57
N LEU B 25 24.13 13.67 -25.36
CA LEU B 25 25.03 14.81 -25.13
C LEU B 25 26.51 14.40 -24.95
N LYS B 26 26.84 13.14 -25.28
CA LYS B 26 28.15 12.53 -24.88
C LYS B 26 28.57 12.93 -23.46
N LEU B 27 27.84 12.46 -22.47
CA LEU B 27 28.16 12.81 -21.12
C LEU B 27 28.11 11.53 -20.33
N GLU B 28 28.96 11.40 -19.33
CA GLU B 28 28.87 10.22 -18.47
C GLU B 28 27.59 10.33 -17.61
N VAL B 29 26.95 9.18 -17.35
CA VAL B 29 25.77 9.16 -16.52
C VAL B 29 26.00 8.46 -15.21
N LEU B 30 25.24 8.90 -14.21
CA LEU B 30 25.27 8.35 -12.85
C LEU B 30 23.86 8.31 -12.32
N ASP B 31 23.60 7.35 -11.43
CA ASP B 31 22.36 7.18 -10.74
C ASP B 31 22.69 7.00 -9.26
N THR B 32 22.10 7.84 -8.43
CA THR B 32 22.40 7.84 -7.03
C THR B 32 21.96 6.60 -6.32
N ASP B 33 20.77 6.07 -6.60
CA ASP B 33 20.42 4.77 -5.99
C ASP B 33 21.40 3.68 -6.36
N MET B 34 21.93 3.71 -7.58
CA MET B 34 22.96 2.78 -7.97
C MET B 34 24.26 2.95 -7.19
N ILE B 35 24.72 4.19 -7.00
CA ILE B 35 26.00 4.38 -6.32
C ILE B 35 25.85 3.78 -4.91
N ILE B 36 24.79 4.21 -4.24
CA ILE B 36 24.56 3.83 -2.86
C ILE B 36 24.40 2.32 -2.71
N SER B 37 23.53 1.75 -3.53
CA SER B 37 23.35 0.31 -3.57
C SER B 37 24.64 -0.50 -3.79
N GLU B 38 25.53 -0.05 -4.68
CA GLU B 38 26.86 -0.70 -4.88
C GLU B 38 27.78 -0.55 -3.66
N ARG B 39 27.92 0.68 -3.11
CA ARG B 39 28.83 0.90 -1.99
C ARG B 39 28.43 0.00 -0.82
N VAL B 40 27.14 0.02 -0.47
CA VAL B 40 26.70 -0.73 0.67
C VAL B 40 26.68 -2.23 0.40
N GLY B 41 26.37 -2.65 -0.82
CA GLY B 41 26.19 -4.09 -1.09
C GLY B 41 24.80 -4.66 -0.87
N LEU B 42 23.82 -3.76 -0.65
CA LEU B 42 22.39 -4.12 -0.62
C LEU B 42 21.63 -3.34 -1.67
N SER B 43 20.51 -3.87 -2.14
CA SER B 43 19.65 -3.10 -3.05
C SER B 43 18.87 -2.00 -2.27
N VAL B 44 18.13 -1.17 -2.98
CA VAL B 44 17.65 0.00 -2.30
C VAL B 44 16.68 -0.47 -1.21
N ARG B 45 15.88 -1.47 -1.56
CA ARG B 45 14.87 -2.03 -0.67
C ARG B 45 15.47 -2.68 0.55
N GLU B 46 16.47 -3.53 0.32
CA GLU B 46 17.22 -4.10 1.45
C GLU B 46 17.91 -3.04 2.33
N ILE B 47 18.32 -1.90 1.78
CA ILE B 47 18.89 -0.85 2.63
C ILE B 47 17.82 -0.34 3.61
N PHE B 48 16.66 0.05 3.07
CA PHE B 48 15.47 0.27 3.88
C PHE B 48 15.12 -0.78 4.99
N GLU B 49 15.21 -2.08 4.69
CA GLU B 49 14.94 -3.12 5.71
C GLU B 49 16.02 -3.23 6.80
N GLU B 50 17.27 -3.40 6.38
CA GLU B 50 18.37 -3.65 7.32
C GLU B 50 18.87 -2.41 7.96
N LEU B 51 18.95 -1.30 7.21
CA LEU B 51 19.57 -0.05 7.77
C LEU B 51 18.65 1.13 8.07
N GLY B 52 17.43 1.13 7.56
CA GLY B 52 16.52 2.23 7.84
C GLY B 52 16.61 3.39 6.86
N GLU B 53 15.48 4.06 6.70
CA GLU B 53 15.36 5.22 5.84
C GLU B 53 16.41 6.28 6.19
N ASP B 54 16.52 6.59 7.48
CA ASP B 54 17.28 7.74 7.99
C ASP B 54 18.73 7.60 7.56
N ASN B 55 19.22 6.38 7.69
CA ASN B 55 20.56 6.02 7.23
C ASN B 55 20.73 6.18 5.73
N PHE B 56 19.66 5.83 4.98
CA PHE B 56 19.64 6.00 3.55
C PHE B 56 19.75 7.43 3.19
N ARG B 57 19.02 8.28 3.92
CA ARG B 57 18.96 9.66 3.58
C ARG B 57 20.30 10.23 3.84
N MET B 58 20.93 9.79 4.92
CA MET B 58 22.27 10.27 5.25
C MET B 58 23.30 9.93 4.15
N PHE B 59 23.22 8.69 3.61
CA PHE B 59 24.07 8.31 2.51
C PHE B 59 23.76 9.27 1.38
N GLU B 60 22.44 9.51 1.13
CA GLU B 60 22.10 10.31 -0.04
C GLU B 60 22.71 11.70 0.07
N LYS B 61 22.59 12.29 1.26
CA LYS B 61 23.01 13.64 1.49
C LYS B 61 24.54 13.70 1.32
N ASN B 62 25.22 12.67 1.81
CA ASN B 62 26.60 12.66 1.66
C ASN B 62 27.01 12.55 0.19
N LEU B 63 26.33 11.70 -0.56
CA LEU B 63 26.70 11.44 -1.93
C LEU B 63 26.50 12.73 -2.74
N ILE B 64 25.52 13.55 -2.35
CA ILE B 64 25.28 14.77 -3.06
C ILE B 64 26.57 15.60 -2.97
N ASP B 65 27.12 15.73 -1.76
CA ASP B 65 28.31 16.53 -1.49
C ASP B 65 29.49 16.03 -2.30
N GLU B 66 29.64 14.71 -2.40
CA GLU B 66 30.65 14.10 -3.27
C GLU B 66 30.43 14.52 -4.76
N LEU B 67 29.20 14.60 -5.22
CA LEU B 67 28.98 14.76 -6.65
C LEU B 67 29.35 16.17 -7.07
N LYS B 68 29.23 17.11 -6.13
CA LYS B 68 29.52 18.51 -6.36
C LYS B 68 31.01 18.69 -6.62
N THR B 69 31.70 17.57 -6.51
CA THR B 69 33.14 17.57 -6.59
C THR B 69 33.67 17.15 -7.98
N LEU B 70 32.78 16.54 -8.76
CA LEU B 70 33.10 16.10 -10.09
C LEU B 70 33.47 17.26 -11.00
N LYS B 71 34.38 16.98 -11.93
CA LYS B 71 34.95 18.00 -12.84
C LYS B 71 34.08 18.15 -14.08
N THR B 72 33.91 17.07 -14.82
CA THR B 72 33.11 17.15 -16.02
C THR B 72 31.64 17.04 -15.61
N PRO B 73 30.76 17.71 -16.34
CA PRO B 73 29.33 17.61 -16.08
C PRO B 73 28.86 16.21 -16.44
N HIS B 74 27.95 15.69 -15.61
CA HIS B 74 27.41 14.35 -15.72
C HIS B 74 25.91 14.50 -15.82
N VAL B 75 25.28 13.47 -16.37
CA VAL B 75 23.85 13.30 -16.30
C VAL B 75 23.64 12.50 -15.04
N ILE B 76 22.78 12.99 -14.14
CA ILE B 76 22.53 12.27 -12.89
C ILE B 76 21.05 11.94 -12.64
N SER B 77 20.69 10.67 -12.63
CA SER B 77 19.36 10.33 -12.16
C SER B 77 19.40 10.01 -10.69
N THR B 78 18.27 10.26 -10.03
CA THR B 78 18.20 10.21 -8.59
C THR B 78 16.89 9.59 -8.08
N GLY B 79 16.94 9.02 -6.87
CA GLY B 79 15.76 8.53 -6.16
C GLY B 79 14.71 9.60 -5.87
N GLY B 80 13.46 9.15 -5.71
CA GLY B 80 12.35 10.02 -5.44
C GLY B 80 12.65 10.99 -4.33
N GLY B 81 13.25 10.50 -3.22
CA GLY B 81 13.39 11.30 -1.97
C GLY B 81 14.40 12.43 -1.91
N ILE B 82 15.21 12.52 -2.95
CA ILE B 82 16.46 13.26 -3.04
C ILE B 82 16.23 14.72 -2.85
N VAL B 83 14.99 15.16 -3.09
CA VAL B 83 14.66 16.59 -3.05
C VAL B 83 14.49 17.13 -1.65
N MET B 84 14.47 16.23 -0.66
CA MET B 84 14.31 16.65 0.73
C MET B 84 15.61 17.19 1.33
N HIS B 85 16.74 17.02 0.66
CA HIS B 85 18.04 17.50 1.11
C HIS B 85 18.29 18.95 0.66
N GLU B 86 18.57 19.83 1.60
CA GLU B 86 18.76 21.23 1.28
C GLU B 86 20.09 21.36 0.53
N ASN B 87 20.82 20.26 0.63
CA ASN B 87 22.08 19.99 0.03
C ASN B 87 22.05 19.98 -1.52
N LEU B 88 20.88 19.69 -2.09
CA LEU B 88 20.73 19.47 -3.52
C LEU B 88 20.88 20.77 -4.31
N LYS B 89 20.41 21.85 -3.68
CA LYS B 89 20.53 23.19 -4.27
C LYS B 89 21.99 23.39 -4.54
N GLY B 90 22.30 23.64 -5.83
CA GLY B 90 23.66 23.88 -6.28
C GLY B 90 24.31 22.73 -6.99
N LEU B 91 23.66 21.55 -7.04
CA LEU B 91 24.24 20.34 -7.64
C LEU B 91 24.24 20.39 -9.18
N GLY B 92 23.21 21.04 -9.73
CA GLY B 92 23.06 21.12 -11.19
C GLY B 92 21.74 21.71 -11.54
N THR B 93 21.44 21.64 -12.82
CA THR B 93 20.17 22.08 -13.38
C THR B 93 19.28 20.86 -13.22
N THR B 94 18.12 21.09 -12.61
CA THR B 94 17.24 19.99 -12.34
C THR B 94 16.09 19.95 -13.31
N PHE B 95 15.83 18.76 -13.84
CA PHE B 95 14.70 18.49 -14.72
C PHE B 95 13.74 17.55 -13.98
N TYR B 96 12.60 18.07 -13.59
CA TYR B 96 11.56 17.26 -13.00
C TYR B 96 10.75 16.52 -14.04
N LEU B 97 10.82 15.20 -14.07
CA LEU B 97 9.98 14.38 -14.94
C LEU B 97 8.53 14.32 -14.47
N LYS B 98 7.70 15.25 -14.93
CA LYS B 98 6.33 15.33 -14.44
C LYS B 98 5.44 14.22 -15.00
N MET B 99 4.82 13.50 -14.08
CA MET B 99 3.97 12.36 -14.44
C MET B 99 2.62 12.51 -13.64
N ASP B 100 1.57 11.81 -14.04
CA ASP B 100 0.24 12.09 -13.40
C ASP B 100 -0.01 11.10 -12.26
N PHE B 101 -0.71 11.51 -11.22
CA PHE B 101 -1.00 10.59 -10.10
C PHE B 101 -1.37 9.17 -10.54
N GLU B 102 -2.36 9.11 -11.43
CA GLU B 102 -3.11 7.91 -11.79
C GLU B 102 -2.20 6.88 -12.39
N THR B 103 -1.32 7.33 -13.27
CA THR B 103 -0.30 6.46 -13.88
C THR B 103 0.87 6.14 -12.96
N LEU B 104 1.27 7.06 -12.07
CA LEU B 104 2.28 6.73 -11.03
C LEU B 104 1.90 5.54 -10.15
N ILE B 105 0.70 5.57 -9.62
CA ILE B 105 0.09 4.38 -9.03
C ILE B 105 0.13 3.16 -9.97
N LYS B 106 -0.23 3.32 -11.25
CA LYS B 106 -0.12 2.18 -12.19
C LYS B 106 1.21 1.39 -12.04
N ARG B 107 2.34 2.08 -12.30
CA ARG B 107 3.70 1.51 -12.25
C ARG B 107 4.17 0.82 -10.96
N LEU B 108 3.51 1.05 -9.84
CA LEU B 108 4.01 0.52 -8.59
C LEU B 108 3.67 -0.94 -8.48
N ASN B 109 4.65 -1.79 -8.17
CA ASN B 109 4.30 -3.21 -7.98
C ASN B 109 4.03 -3.60 -6.53
N GLN B 110 3.38 -4.73 -6.36
CA GLN B 110 3.11 -5.21 -5.02
C GLN B 110 4.22 -5.06 -3.98
N LYS B 111 5.47 -5.35 -4.33
CA LYS B 111 6.56 -5.25 -3.38
C LYS B 111 6.79 -3.82 -2.89
N GLU B 112 6.61 -2.86 -3.77
CA GLU B 112 6.83 -1.47 -3.44
C GLU B 112 5.73 -0.98 -2.53
N ARG B 113 4.50 -1.54 -2.62
CA ARG B 113 3.42 -1.20 -1.66
C ARG B 113 3.43 -2.00 -0.34
N ALA B 114 4.16 -3.08 -0.29
CA ALA B 114 4.17 -3.94 0.90
C ALA B 114 4.60 -3.20 2.16
N LYS B 115 5.55 -2.30 2.00
CA LYS B 115 6.06 -1.66 3.16
C LYS B 115 5.67 -0.23 3.34
N ARG B 116 4.78 0.26 2.50
CA ARG B 116 4.37 1.64 2.51
C ARG B 116 2.84 1.83 2.60
N PRO B 117 2.28 1.79 3.80
CA PRO B 117 0.79 1.88 4.03
C PRO B 117 0.05 3.08 3.34
N LEU B 118 0.69 4.23 3.29
CA LEU B 118 0.16 5.46 2.77
C LEU B 118 -0.13 5.33 1.31
N LEU B 119 0.62 4.48 0.66
CA LEU B 119 0.41 4.16 -0.72
C LEU B 119 -0.80 3.31 -1.00
N ASN B 120 -1.43 2.80 0.03
CA ASN B 120 -2.51 1.89 -0.16
C ASN B 120 -3.93 2.36 -0.07
N ASN B 121 -4.15 3.56 0.39
CA ASN B 121 -5.48 4.08 0.38
C ASN B 121 -5.45 5.35 -0.40
N LEU B 122 -6.46 5.55 -1.24
CA LEU B 122 -6.58 6.72 -2.11
C LEU B 122 -6.44 8.09 -1.47
N THR B 123 -7.07 8.33 -0.33
CA THR B 123 -7.03 9.69 0.16
C THR B 123 -5.59 10.01 0.56
N GLN B 124 -4.96 9.12 1.33
CA GLN B 124 -3.61 9.39 1.84
C GLN B 124 -2.53 9.36 0.77
N ALA B 125 -2.71 8.52 -0.25
CA ALA B 125 -1.89 8.54 -1.43
C ALA B 125 -1.97 9.88 -2.26
N LYS B 126 -3.15 10.49 -2.39
CA LYS B 126 -3.27 11.79 -3.09
C LYS B 126 -2.70 12.92 -2.26
N GLU B 127 -2.84 12.82 -0.93
CA GLU B 127 -2.35 13.88 -0.02
C GLU B 127 -0.82 13.92 -0.23
N LEU B 128 -0.15 12.79 0.03
CA LEU B 128 1.24 12.60 -0.32
C LEU B 128 1.62 13.16 -1.69
N PHE B 129 0.80 12.87 -2.68
CA PHE B 129 1.14 13.18 -4.06
C PHE B 129 1.24 14.69 -4.26
N GLU B 130 0.22 15.39 -3.80
CA GLU B 130 0.11 16.84 -3.98
C GLU B 130 1.22 17.49 -3.26
N LYS B 131 1.62 16.95 -2.12
CA LYS B 131 2.62 17.63 -1.30
C LYS B 131 4.05 17.44 -1.91
N ARG B 132 4.40 16.21 -2.28
CA ARG B 132 5.64 15.93 -2.99
C ARG B 132 5.74 16.47 -4.44
N GLN B 133 4.63 16.58 -5.17
CA GLN B 133 4.66 17.21 -6.46
C GLN B 133 5.06 18.68 -6.33
N ALA B 134 4.43 19.41 -5.43
CA ALA B 134 4.81 20.80 -5.20
C ALA B 134 6.28 20.91 -4.76
N LEU B 135 6.84 19.86 -4.16
CA LEU B 135 8.20 20.05 -3.73
C LEU B 135 9.18 19.86 -4.90
N TYR B 136 8.82 19.01 -5.87
CA TYR B 136 9.56 18.88 -7.12
C TYR B 136 9.36 20.12 -7.98
N GLU B 137 8.17 20.70 -7.96
CA GLU B 137 7.98 21.90 -8.75
C GLU B 137 8.73 23.11 -8.18
N LYS B 138 9.02 23.09 -6.87
CA LYS B 138 9.71 24.17 -6.15
C LYS B 138 11.26 24.10 -6.30
N ASN B 139 11.77 22.92 -6.68
CA ASN B 139 13.21 22.60 -6.83
C ASN B 139 13.54 22.36 -8.32
N ALA B 140 12.61 22.63 -9.24
CA ALA B 140 12.84 22.32 -10.65
C ALA B 140 13.24 23.54 -11.48
N SER B 141 14.38 23.46 -12.17
CA SER B 141 14.67 24.43 -13.20
C SER B 141 13.69 24.32 -14.35
N PHE B 142 13.46 23.09 -14.81
CA PHE B 142 12.59 22.88 -15.92
C PHE B 142 11.66 21.79 -15.50
N ILE B 143 10.47 21.82 -16.08
CA ILE B 143 9.54 20.75 -15.87
C ILE B 143 9.26 20.03 -17.17
N ILE B 144 9.43 18.73 -17.19
CA ILE B 144 9.13 18.06 -18.43
C ILE B 144 7.92 17.19 -18.28
N ASP B 145 6.98 17.32 -19.23
CA ASP B 145 5.86 16.38 -19.37
C ASP B 145 6.31 14.97 -19.74
N ALA B 146 6.24 14.04 -18.82
CA ALA B 146 6.82 12.75 -19.11
C ALA B 146 5.76 11.77 -19.62
N ARG B 147 4.53 12.22 -19.74
CA ARG B 147 3.44 11.29 -20.10
C ARG B 147 3.62 10.70 -21.50
N GLY B 148 4.45 11.31 -22.33
CA GLY B 148 4.50 10.95 -23.75
C GLY B 148 5.64 9.98 -24.02
N GLY B 149 6.33 9.57 -22.97
CA GLY B 149 7.36 8.59 -23.18
C GLY B 149 8.73 9.22 -23.34
N LEU B 150 9.71 8.34 -23.41
CA LEU B 150 11.08 8.69 -23.27
C LEU B 150 11.50 9.62 -24.41
N ASN B 151 11.16 9.24 -25.64
CA ASN B 151 11.63 10.02 -26.79
C ASN B 151 11.10 11.40 -26.67
N ASN B 152 9.79 11.51 -26.39
CA ASN B 152 9.21 12.83 -26.20
C ASN B 152 9.80 13.62 -24.99
N SER B 153 10.13 12.91 -23.90
CA SER B 153 10.78 13.45 -22.77
C SER B 153 12.19 13.96 -23.09
N LEU B 154 12.95 13.18 -23.86
CA LEU B 154 14.28 13.57 -24.22
C LEU B 154 14.22 14.82 -25.08
N LYS B 155 13.28 14.89 -26.01
CA LYS B 155 13.21 15.99 -26.93
C LYS B 155 12.97 17.29 -26.15
N GLN B 156 12.04 17.23 -25.19
CA GLN B 156 11.79 18.41 -24.38
C GLN B 156 13.05 18.87 -23.65
N VAL B 157 13.91 17.92 -23.25
CA VAL B 157 15.11 18.24 -22.44
C VAL B 157 16.12 18.89 -23.36
N LEU B 158 16.26 18.35 -24.56
CA LEU B 158 17.14 18.91 -25.58
C LEU B 158 16.70 20.32 -25.97
N GLN B 159 15.40 20.50 -26.17
CA GLN B 159 14.86 21.85 -26.49
C GLN B 159 15.33 22.80 -25.46
N PHE B 160 15.14 22.47 -24.18
CA PHE B 160 15.44 23.42 -23.08
C PHE B 160 16.88 23.83 -23.09
N ILE B 161 17.74 22.87 -23.42
CA ILE B 161 19.17 23.10 -23.35
C ILE B 161 19.61 24.06 -24.45
N ALA B 162 19.25 23.76 -25.70
CA ALA B 162 19.43 24.65 -26.88
C ALA B 162 19.24 26.16 -26.67
N MET C 1 -17.61 -12.22 -17.88
CA MET C 1 -17.46 -12.06 -16.41
C MET C 1 -16.00 -11.78 -16.04
N GLN C 2 -15.57 -10.54 -16.15
CA GLN C 2 -14.21 -10.20 -15.70
C GLN C 2 -14.07 -8.96 -14.83
N HIS C 3 -15.06 -8.08 -14.84
CA HIS C 3 -14.92 -6.81 -14.17
C HIS C 3 -15.63 -6.90 -12.85
N LEU C 4 -15.33 -5.98 -11.94
CA LEU C 4 -16.05 -5.92 -10.70
C LEU C 4 -17.03 -4.80 -10.89
N VAL C 5 -18.31 -5.16 -10.86
CA VAL C 5 -19.39 -4.27 -11.23
C VAL C 5 -20.14 -3.89 -9.99
N LEU C 6 -20.14 -2.61 -9.69
CA LEU C 6 -20.79 -2.15 -8.50
C LEU C 6 -22.18 -1.67 -8.88
N ILE C 7 -23.18 -2.23 -8.19
CA ILE C 7 -24.58 -1.88 -8.43
C ILE C 7 -25.29 -1.51 -7.13
N GLY C 8 -26.38 -0.73 -7.27
CA GLY C 8 -27.21 -0.23 -6.13
C GLY C 8 -27.85 1.12 -6.38
N PHE C 9 -28.57 1.63 -5.39
CA PHE C 9 -29.30 2.88 -5.57
C PHE C 9 -28.36 4.07 -5.65
N MET C 10 -28.80 5.12 -6.32
CA MET C 10 -28.10 6.38 -6.18
C MET C 10 -28.02 6.77 -4.71
N GLY C 11 -26.89 7.28 -4.25
CA GLY C 11 -26.68 7.57 -2.82
C GLY C 11 -25.91 6.48 -2.09
N SER C 12 -25.83 5.30 -2.67
CA SER C 12 -25.03 4.25 -2.03
C SER C 12 -23.47 4.45 -2.11
N GLY C 13 -23.01 5.48 -2.83
CA GLY C 13 -21.56 5.76 -2.97
C GLY C 13 -20.85 4.69 -3.78
N LYS C 14 -21.41 4.32 -4.94
CA LYS C 14 -20.82 3.34 -5.86
C LYS C 14 -19.48 3.78 -6.52
N SER C 15 -19.38 5.01 -7.01
CA SER C 15 -18.10 5.53 -7.54
C SER C 15 -17.08 5.96 -6.50
N SER C 16 -17.51 6.44 -5.34
CA SER C 16 -16.51 6.64 -4.30
C SER C 16 -15.85 5.29 -4.05
N LEU C 17 -16.65 4.22 -3.97
CA LEU C 17 -16.06 2.91 -3.74
C LEU C 17 -15.33 2.30 -4.94
N ALA C 18 -15.76 2.63 -6.15
CA ALA C 18 -15.06 2.10 -7.30
C ALA C 18 -13.62 2.69 -7.37
N GLN C 19 -13.51 4.01 -7.17
CA GLN C 19 -12.21 4.70 -7.09
C GLN C 19 -11.31 4.04 -6.03
N GLU C 20 -11.78 3.90 -4.78
CA GLU C 20 -10.93 3.13 -3.79
C GLU C 20 -10.58 1.72 -4.23
N LEU C 21 -11.50 1.04 -4.87
CA LEU C 21 -11.28 -0.33 -5.23
C LEU C 21 -10.30 -0.45 -6.40
N GLY C 22 -10.21 0.58 -7.22
CA GLY C 22 -9.34 0.43 -8.37
C GLY C 22 -7.89 0.62 -7.94
N LEU C 23 -7.69 1.55 -7.02
CA LEU C 23 -6.44 1.72 -6.31
C LEU C 23 -6.04 0.46 -5.55
N ALA C 24 -6.91 0.00 -4.68
CA ALA C 24 -6.61 -1.20 -3.95
C ALA C 24 -6.13 -2.30 -4.89
N LEU C 25 -6.79 -2.48 -6.03
CA LEU C 25 -6.50 -3.67 -6.82
C LEU C 25 -5.77 -3.39 -8.14
N LYS C 26 -5.40 -2.14 -8.42
CA LYS C 26 -4.61 -1.79 -9.64
C LYS C 26 -5.42 -2.20 -10.84
N LEU C 27 -6.58 -1.57 -10.92
CA LEU C 27 -7.52 -1.75 -12.02
C LEU C 27 -8.00 -0.37 -12.33
N GLU C 28 -8.30 -0.14 -13.62
CA GLU C 28 -8.86 1.13 -14.07
C GLU C 28 -10.32 1.16 -13.65
N VAL C 29 -10.83 2.35 -13.42
CA VAL C 29 -12.24 2.44 -13.14
C VAL C 29 -13.01 3.27 -14.14
N LEU C 30 -14.21 2.75 -14.46
CA LEU C 30 -15.21 3.44 -15.27
C LEU C 30 -16.55 3.65 -14.51
N ASP C 31 -17.24 4.75 -14.83
CA ASP C 31 -18.62 5.02 -14.41
C ASP C 31 -19.53 5.11 -15.66
N THR C 32 -20.58 4.29 -15.72
CA THR C 32 -21.37 4.21 -16.92
C THR C 32 -22.11 5.49 -17.11
N ASP C 33 -22.58 6.09 -16.01
CA ASP C 33 -23.21 7.43 -16.14
C ASP C 33 -22.21 8.42 -16.67
N MET C 34 -21.01 8.51 -16.07
CA MET C 34 -20.01 9.43 -16.61
C MET C 34 -19.81 9.14 -18.08
N ILE C 35 -19.75 7.87 -18.47
CA ILE C 35 -19.52 7.55 -19.87
C ILE C 35 -20.64 8.09 -20.72
N ILE C 36 -21.90 7.82 -20.35
CA ILE C 36 -23.02 8.22 -21.21
C ILE C 36 -23.15 9.73 -21.38
N SER C 37 -23.01 10.45 -20.28
CA SER C 37 -23.17 11.89 -20.30
C SER C 37 -22.10 12.53 -21.12
N GLU C 38 -20.87 12.00 -21.06
CA GLU C 38 -19.78 12.37 -21.96
C GLU C 38 -20.06 12.18 -23.44
N ARG C 39 -20.78 11.14 -23.81
CA ARG C 39 -20.99 10.85 -25.23
C ARG C 39 -22.08 11.78 -25.81
N VAL C 40 -23.26 11.68 -25.22
CA VAL C 40 -24.39 12.55 -25.48
C VAL C 40 -24.05 14.05 -25.35
N GLY C 41 -23.24 14.39 -24.35
CA GLY C 41 -22.88 15.79 -24.08
C GLY C 41 -23.84 16.52 -23.14
N LEU C 42 -24.66 15.78 -22.41
CA LEU C 42 -25.59 16.35 -21.42
C LEU C 42 -25.45 15.64 -20.11
N SER C 43 -25.98 16.23 -19.05
CA SER C 43 -26.07 15.52 -17.78
C SER C 43 -27.06 14.36 -17.94
N VAL C 44 -27.08 13.47 -16.97
CA VAL C 44 -27.99 12.33 -16.99
C VAL C 44 -29.42 12.88 -16.94
N ARG C 45 -29.66 13.76 -15.97
CA ARG C 45 -30.93 14.51 -15.88
C ARG C 45 -31.30 15.07 -17.24
N GLU C 46 -30.42 15.90 -17.82
CA GLU C 46 -30.70 16.51 -19.08
C GLU C 46 -31.02 15.43 -20.10
N ILE C 47 -30.26 14.33 -20.15
CA ILE C 47 -30.59 13.24 -21.10
C ILE C 47 -32.03 12.81 -20.94
N PHE C 48 -32.47 12.72 -19.69
CA PHE C 48 -33.83 12.28 -19.38
C PHE C 48 -34.87 13.29 -19.86
N GLU C 49 -34.67 14.55 -19.47
CA GLU C 49 -35.46 15.68 -19.98
C GLU C 49 -35.54 15.66 -21.52
N GLU C 50 -34.38 15.69 -22.19
CA GLU C 50 -34.38 15.86 -23.64
C GLU C 50 -34.80 14.62 -24.44
N LEU C 51 -34.29 13.44 -24.10
CA LEU C 51 -34.44 12.28 -25.01
C LEU C 51 -35.31 11.13 -24.55
N GLY C 52 -35.67 11.18 -23.26
CA GLY C 52 -36.47 10.14 -22.64
C GLY C 52 -35.65 9.03 -22.02
N GLU C 53 -36.34 8.21 -21.25
CA GLU C 53 -35.77 7.05 -20.62
C GLU C 53 -35.56 5.92 -21.65
N ASP C 54 -36.44 5.80 -22.63
CA ASP C 54 -36.33 4.68 -23.58
C ASP C 54 -34.97 4.69 -24.21
N ASN C 55 -34.54 5.89 -24.58
CA ASN C 55 -33.29 6.21 -25.25
C ASN C 55 -32.12 6.11 -24.33
N PHE C 56 -32.23 6.77 -23.18
CA PHE C 56 -31.20 6.60 -22.17
C PHE C 56 -30.98 5.10 -21.96
N ARG C 57 -32.04 4.34 -21.86
CA ARG C 57 -31.87 2.91 -21.62
C ARG C 57 -31.07 2.23 -22.77
N MET C 58 -31.28 2.70 -23.99
CA MET C 58 -30.62 2.13 -25.19
C MET C 58 -29.09 2.38 -25.12
N PHE C 59 -28.74 3.60 -24.74
CA PHE C 59 -27.37 3.98 -24.58
C PHE C 59 -26.75 3.02 -23.57
N GLU C 60 -27.43 2.87 -22.43
CA GLU C 60 -26.94 2.10 -21.36
C GLU C 60 -26.74 0.64 -21.82
N LYS C 61 -27.75 0.03 -22.44
CA LYS C 61 -27.61 -1.32 -22.96
C LYS C 61 -26.43 -1.48 -23.94
N ASN C 62 -26.33 -0.59 -24.93
CA ASN C 62 -25.17 -0.56 -25.83
C ASN C 62 -23.88 -0.43 -25.03
N LEU C 63 -23.85 0.48 -24.07
CA LEU C 63 -22.68 0.61 -23.28
C LEU C 63 -22.29 -0.77 -22.66
N ILE C 64 -23.25 -1.47 -22.03
CA ILE C 64 -22.99 -2.83 -21.55
C ILE C 64 -22.32 -3.68 -22.63
N ASP C 65 -22.87 -3.72 -23.85
CA ASP C 65 -22.23 -4.56 -24.87
C ASP C 65 -20.76 -4.17 -25.04
N GLU C 66 -20.50 -2.86 -25.03
CA GLU C 66 -19.20 -2.34 -25.40
C GLU C 66 -18.20 -2.62 -24.33
N LEU C 67 -18.61 -2.53 -23.09
CA LEU C 67 -17.74 -2.81 -21.97
C LEU C 67 -17.28 -4.24 -21.93
N LYS C 68 -18.12 -5.14 -22.40
CA LYS C 68 -17.85 -6.55 -22.47
C LYS C 68 -16.71 -6.79 -23.40
N THR C 69 -16.45 -5.80 -24.20
CA THR C 69 -15.29 -5.72 -25.03
C THR C 69 -13.92 -5.54 -24.34
N LEU C 70 -13.86 -4.80 -23.25
CA LEU C 70 -12.57 -4.41 -22.69
C LEU C 70 -11.65 -5.62 -22.39
N LYS C 71 -10.37 -5.49 -22.76
CA LYS C 71 -9.40 -6.60 -22.70
C LYS C 71 -9.16 -7.14 -21.28
N THR C 72 -9.23 -6.23 -20.33
CA THR C 72 -8.52 -6.31 -19.09
C THR C 72 -9.46 -5.77 -18.02
N PRO C 73 -9.69 -6.50 -16.92
CA PRO C 73 -10.67 -6.12 -15.88
C PRO C 73 -10.63 -4.66 -15.35
N HIS C 74 -11.83 -4.13 -15.15
CA HIS C 74 -12.03 -2.83 -14.59
C HIS C 74 -12.97 -2.99 -13.46
N VAL C 75 -13.00 -1.95 -12.66
CA VAL C 75 -14.04 -1.74 -11.69
C VAL C 75 -14.94 -0.76 -12.37
N ILE C 76 -16.25 -1.09 -12.47
CA ILE C 76 -17.28 -0.26 -13.13
C ILE C 76 -18.41 0.13 -12.14
N SER C 77 -18.59 1.42 -11.95
CA SER C 77 -19.73 2.02 -11.31
C SER C 77 -20.88 2.04 -12.28
N THR C 78 -22.04 1.59 -11.86
CA THR C 78 -23.21 1.72 -12.71
C THR C 78 -24.22 2.63 -12.06
N GLY C 79 -25.12 3.18 -12.88
CA GLY C 79 -26.19 3.98 -12.33
C GLY C 79 -27.34 3.10 -11.88
N GLY C 80 -28.30 3.77 -11.23
CA GLY C 80 -29.44 3.20 -10.55
C GLY C 80 -30.23 2.09 -11.15
N GLY C 81 -30.81 2.28 -12.31
CA GLY C 81 -31.67 1.26 -12.87
C GLY C 81 -30.93 0.36 -13.83
N ILE C 82 -29.60 0.33 -13.76
CA ILE C 82 -28.84 -0.49 -14.71
C ILE C 82 -29.26 -1.96 -14.67
N VAL C 83 -29.90 -2.36 -13.58
CA VAL C 83 -30.30 -3.75 -13.39
C VAL C 83 -31.42 -4.26 -14.33
N MET C 84 -32.21 -3.34 -14.89
CA MET C 84 -33.29 -3.76 -15.78
C MET C 84 -32.82 -4.41 -17.09
N HIS C 85 -31.58 -4.14 -17.49
CA HIS C 85 -31.04 -4.76 -18.70
C HIS C 85 -30.65 -6.24 -18.48
N GLU C 86 -31.33 -7.15 -19.19
CA GLU C 86 -30.95 -8.57 -19.19
C GLU C 86 -29.59 -8.73 -19.85
N ASN C 87 -29.12 -7.64 -20.40
CA ASN C 87 -27.81 -7.51 -21.01
C ASN C 87 -26.62 -7.52 -19.98
N LEU C 88 -26.89 -7.05 -18.77
CA LEU C 88 -25.89 -6.94 -17.73
C LEU C 88 -25.21 -8.26 -17.41
N LYS C 89 -25.99 -9.35 -17.44
CA LYS C 89 -25.42 -10.67 -17.16
C LYS C 89 -24.26 -10.86 -18.10
N GLY C 90 -23.16 -11.28 -17.51
CA GLY C 90 -21.97 -11.58 -18.28
C GLY C 90 -21.03 -10.41 -18.17
N LEU C 91 -21.56 -9.27 -17.70
CA LEU C 91 -20.68 -8.10 -17.66
C LEU C 91 -19.52 -8.34 -16.71
N GLY C 92 -19.76 -8.95 -15.55
CA GLY C 92 -18.67 -9.17 -14.60
C GLY C 92 -19.25 -9.70 -13.34
N THR C 93 -18.59 -9.43 -12.23
CA THR C 93 -19.13 -9.80 -10.92
C THR C 93 -19.74 -8.59 -10.23
N THR C 94 -21.00 -8.77 -9.85
CA THR C 94 -21.83 -7.70 -9.37
C THR C 94 -21.83 -7.70 -7.84
N PHE C 95 -21.80 -6.50 -7.29
CA PHE C 95 -21.75 -6.29 -5.88
C PHE C 95 -22.84 -5.31 -5.61
N TYR C 96 -23.89 -5.76 -4.91
CA TYR C 96 -24.93 -4.79 -4.49
C TYR C 96 -24.45 -4.03 -3.24
N LEU C 97 -24.41 -2.70 -3.32
CA LEU C 97 -24.16 -1.85 -2.14
C LEU C 97 -25.42 -1.56 -1.40
N LYS C 98 -25.73 -2.38 -0.41
CA LYS C 98 -27.02 -2.36 0.24
C LYS C 98 -27.10 -1.24 1.25
N MET C 99 -28.17 -0.47 1.17
CA MET C 99 -28.26 0.79 1.88
C MET C 99 -29.62 0.94 2.57
N ASP C 100 -29.68 1.90 3.50
CA ASP C 100 -30.82 2.43 4.37
C ASP C 100 -30.74 1.96 5.82
N ALA C 134 -34.37 -4.34 -4.82
CA ALA C 134 -34.81 -5.76 -4.74
C ALA C 134 -34.56 -6.60 -6.03
N LEU C 135 -34.61 -5.94 -7.19
CA LEU C 135 -34.02 -6.49 -8.40
C LEU C 135 -32.46 -6.45 -8.28
N TYR C 136 -31.96 -5.56 -7.45
CA TYR C 136 -30.56 -5.60 -7.07
C TYR C 136 -30.22 -6.96 -6.48
N GLU C 137 -30.96 -7.34 -5.45
CA GLU C 137 -30.63 -8.53 -4.69
C GLU C 137 -30.68 -9.71 -5.64
N LYS C 138 -31.71 -9.78 -6.48
CA LYS C 138 -31.76 -10.83 -7.48
C LYS C 138 -30.53 -10.88 -8.41
N ASN C 139 -30.01 -9.74 -8.83
CA ASN C 139 -28.89 -9.79 -9.76
C ASN C 139 -27.53 -9.89 -9.11
N ALA C 140 -27.49 -9.80 -7.79
CA ALA C 140 -26.20 -9.61 -7.13
C ALA C 140 -25.55 -10.91 -6.81
N SER C 141 -24.25 -11.00 -7.06
CA SER C 141 -23.51 -12.19 -6.69
C SER C 141 -22.97 -12.09 -5.25
N PHE C 142 -23.07 -10.86 -4.72
CA PHE C 142 -22.49 -10.41 -3.46
C PHE C 142 -23.14 -9.15 -3.00
N ILE C 143 -23.49 -9.19 -1.73
CA ILE C 143 -24.19 -8.11 -1.14
C ILE C 143 -23.22 -7.45 -0.20
N ILE C 144 -23.05 -6.14 -0.34
CA ILE C 144 -22.23 -5.44 0.61
C ILE C 144 -23.01 -4.36 1.34
N ASP C 145 -22.95 -4.50 2.66
CA ASP C 145 -23.51 -3.59 3.60
C ASP C 145 -22.77 -2.25 3.48
N ALA C 146 -23.40 -1.29 2.83
CA ALA C 146 -22.83 0.05 2.71
C ALA C 146 -22.99 0.85 3.99
N ARG C 147 -23.82 0.36 4.93
CA ARG C 147 -24.24 1.15 6.12
C ARG C 147 -23.06 1.79 6.89
N GLY C 148 -21.91 1.10 6.91
CA GLY C 148 -20.84 1.46 7.81
C GLY C 148 -19.72 2.25 7.19
N GLY C 149 -19.98 2.96 6.10
CA GLY C 149 -18.96 3.83 5.49
C GLY C 149 -17.99 3.21 4.51
N LEU C 150 -17.45 4.05 3.63
CA LEU C 150 -16.62 3.55 2.51
C LEU C 150 -15.64 2.44 2.88
N ASN C 151 -14.84 2.62 3.94
CA ASN C 151 -13.81 1.65 4.28
C ASN C 151 -14.37 0.28 4.60
N ASN C 152 -15.51 0.27 5.28
CA ASN C 152 -16.04 -1.02 5.66
C ASN C 152 -16.61 -1.74 4.41
N SER C 153 -17.19 -0.95 3.51
CA SER C 153 -17.59 -1.43 2.20
C SER C 153 -16.39 -1.99 1.48
N LEU C 154 -15.30 -1.24 1.50
CA LEU C 154 -14.11 -1.66 0.78
C LEU C 154 -13.58 -2.96 1.37
N LYS C 155 -13.53 -3.02 2.68
CA LYS C 155 -13.05 -4.20 3.32
C LYS C 155 -13.90 -5.49 2.99
N GLN C 156 -15.23 -5.38 3.06
CA GLN C 156 -16.12 -6.50 2.63
C GLN C 156 -15.86 -6.98 1.21
N VAL C 157 -15.66 -6.06 0.27
CA VAL C 157 -15.41 -6.50 -1.09
C VAL C 157 -14.08 -7.29 -1.18
N LEU C 158 -13.06 -6.80 -0.50
CA LEU C 158 -11.73 -7.40 -0.65
C LEU C 158 -11.69 -8.76 -0.02
N GLN C 159 -12.46 -8.89 1.07
CA GLN C 159 -12.70 -10.19 1.71
C GLN C 159 -13.15 -11.25 0.68
N PHE C 160 -14.14 -10.92 -0.12
CA PHE C 160 -14.63 -11.85 -1.11
C PHE C 160 -13.62 -12.13 -2.18
N ILE C 161 -12.80 -11.14 -2.50
CA ILE C 161 -11.81 -11.36 -3.53
C ILE C 161 -10.72 -12.23 -2.99
N ALA C 162 -10.26 -11.91 -1.79
CA ALA C 162 -9.22 -12.70 -1.17
C ALA C 162 -9.60 -14.17 -1.11
N LEU C 163 -10.86 -14.49 -0.84
CA LEU C 163 -11.32 -15.89 -0.78
C LEU C 163 -11.64 -16.48 -2.16
N GLN C 164 -11.67 -15.64 -3.19
CA GLN C 164 -11.89 -16.13 -4.55
C GLN C 164 -10.89 -15.49 -5.47
N PRO C 165 -9.68 -16.08 -5.55
CA PRO C 165 -8.60 -15.44 -6.29
C PRO C 165 -9.11 -15.03 -7.68
N SER C 166 -10.05 -15.82 -8.23
CA SER C 166 -10.75 -15.47 -9.49
C SER C 166 -11.30 -14.00 -9.55
N LEU C 167 -10.71 -13.22 -10.49
CA LEU C 167 -10.83 -11.75 -10.59
C LEU C 167 -9.83 -11.08 -9.64
CAA OSA D . 12.94 -7.25 21.02
CAB OSA D . 12.55 -7.53 22.33
CAC OSA D . 11.26 -7.16 22.78
CAD OSA D . 10.39 -6.51 21.91
CAE OSA D . 10.76 -6.22 20.57
CAF OSA D . 12.04 -6.61 20.15
NAG OSA D . 12.39 -6.33 18.89
CAH OSA D . 9.14 -6.12 22.36
CAI OSA D . 8.74 -6.37 23.65
CAJ OSA D . 9.58 -7.05 24.53
CAK OSA D . 10.85 -7.44 24.08
OAL OSA D . 11.73 -8.07 24.90
NAM OSA D . 9.16 -7.28 25.79
NAN OSA D . 9.98 -7.55 26.67
CAO OSA D . 9.71 -7.70 27.96
CAP OSA D . 10.76 -7.92 28.85
CAQ OSA D . 10.52 -8.05 30.22
CAR OSA D . 9.22 -7.98 30.73
CAS OSA D . 8.17 -7.77 29.82
CAT OSA D . 8.41 -7.62 28.47
CAU OSA D . 6.89 -7.69 30.29
CAV OSA D . 6.61 -7.82 31.65
CAW OSA D . 7.63 -8.04 32.58
CAX OSA D . 8.95 -8.12 32.11
OAY OSA D . 9.97 -8.35 33.01
SAZ OSA D . 4.92 -7.70 32.11
OBA OSA D . 4.79 -7.60 33.63
OBB OSA D . 4.21 -6.53 31.43
OBC OSA D . 4.20 -8.94 31.59
SBD OSA D . 7.14 -5.86 24.05
OBE OSA D . 6.54 -5.35 22.78
OBF OSA D . 6.46 -7.04 24.69
OBG OSA D . 7.02 -4.70 25.00
O1 TLA E . 15.60 -8.21 28.89
O11 TLA E . 15.30 -6.84 30.67
C1 TLA E . 14.98 -7.29 29.52
C2 TLA E . 13.68 -6.69 28.84
O2 TLA E . 13.58 -7.20 27.47
C3 TLA E . 13.57 -5.11 28.89
O3 TLA E . 14.46 -4.50 27.94
C4 TLA E . 12.11 -4.60 28.62
O4 TLA E . 11.75 -4.62 27.44
O41 TLA E . 11.41 -4.21 29.59
O1 TLA F . 5.86 -2.15 24.77
O11 TLA F . 8.11 -2.18 24.37
C1 TLA F . 6.99 -1.64 24.63
C2 TLA F . 6.92 -0.21 24.84
O2 TLA F . 5.87 0.20 24.03
C3 TLA F . 8.20 0.52 24.48
O3 TLA F . 8.96 -0.17 23.51
C4 TLA F . 7.81 1.92 24.02
O4 TLA F . 8.77 2.73 23.97
O41 TLA F . 6.57 2.15 23.79
CAA OSA G . 9.58 13.90 -0.32
CAB OSA G . 9.84 12.59 0.11
CAC OSA G . 9.73 11.55 -0.83
CAD OSA G . 9.35 11.78 -2.17
CAE OSA G . 9.09 13.07 -2.59
CAF OSA G . 9.20 14.11 -1.67
NAG OSA G . 8.93 15.35 -2.10
CAH OSA G . 9.23 10.71 -3.08
CAI OSA G . 9.49 9.42 -2.66
CAJ OSA G . 9.89 9.18 -1.33
CAK OSA G . 9.99 10.27 -0.44
OAL OSA G . 10.36 10.13 0.82
NAM OSA G . 10.11 7.91 -0.95
NAN OSA G . 10.12 7.59 0.25
CAO OSA G . 10.23 6.32 0.66
CAP OSA G . 9.99 6.10 2.01
CAQ OSA G . 10.06 4.82 2.56
CAR OSA G . 10.32 3.74 1.73
CAS OSA G . 10.55 3.93 0.35
CAT OSA G . 10.47 5.22 -0.20
CAU OSA G . 10.83 2.82 -0.44
CAV OSA G . 10.86 1.55 0.14
CAW OSA G . 10.66 1.37 1.52
CAX OSA G . 10.39 2.48 2.32
OAY OSA G . 10.15 2.40 3.66
SAZ OSA G . 11.19 0.17 -0.89
OBA OSA G . 11.30 -1.06 0.01
OBB OSA G . 10.12 0.06 -1.97
OBC OSA G . 12.49 0.34 -1.65
SBD OSA G . 9.38 8.13 -3.76
OBE OSA G . 9.15 8.66 -5.17
OBF OSA G . 10.64 7.32 -3.60
OBG OSA G . 8.29 7.19 -3.49
O1 TLA H . 8.28 7.57 6.60
O11 TLA H . 6.12 6.85 6.83
C1 TLA H . 7.21 6.98 6.20
C2 TLA H . 7.24 6.39 4.78
O2 TLA H . 8.61 6.42 4.36
C3 TLA H . 6.36 7.26 3.84
O3 TLA H . 6.80 8.63 3.91
C4 TLA H . 6.31 6.75 2.38
O4 TLA H . 6.52 7.56 1.45
O41 TLA H . 6.01 5.55 2.19
O1 TLA I . 16.08 2.73 -11.82
O11 TLA I . 16.10 4.93 -11.26
C1 TLA I . 15.54 3.86 -11.65
C2 TLA I . 14.05 3.91 -11.94
O2 TLA I . 13.73 3.37 -13.23
C3 TLA I . 13.63 5.37 -11.85
O3 TLA I . 14.12 6.06 -12.98
C4 TLA I . 12.14 5.35 -11.77
O4 TLA I . 11.49 5.69 -12.78
O41 TLA I . 11.69 4.89 -10.69
O1 TLA J . 2.09 7.83 -6.53
O11 TLA J . 1.66 8.79 -4.53
C1 TLA J . 2.43 8.32 -5.43
C2 TLA J . 3.95 8.34 -5.21
O2 TLA J . 4.43 7.02 -5.12
C3 TLA J . 4.30 9.04 -3.92
O3 TLA J . 3.25 8.91 -2.97
C4 TLA J . 5.60 8.47 -3.35
O4 TLA J . 5.99 8.99 -2.29
O41 TLA J . 6.17 7.57 -4.01
#